data_6RBI
#
_entry.id   6RBI
#
_cell.length_a   142.150
_cell.length_b   142.150
_cell.length_c   151.540
_cell.angle_alpha   90.000
_cell.angle_beta   90.000
_cell.angle_gamma   120.000
#
_symmetry.space_group_name_H-M   'P 65 2 2'
#
loop_
_entity.id
_entity.type
_entity.pdbx_description
1 polymer 'Lysine-specific demethylase 5B,Lysine-specific demethylase 5B'
2 non-polymer 'ZINC ION'
3 non-polymer 'MANGANESE (II) ION'
4 non-polymer 'PHOSPHATE ION'
5 non-polymer 1,2-ETHANEDIOL
6 non-polymer 5-(1~{H}-1,2,3,4-tetrazol-5-yl)quinolin-8-ol
7 non-polymer 'SODIUM ION'
8 water water
#
_entity_poly.entity_id   1
_entity_poly.type   'polypeptide(L)'
_entity_poly.pdbx_seq_one_letter_code
;SMFLPPPECPVFEPSWEEFADPFAFIHKIRPIAEQTGICKVRPPPDWQPPFACDVDKLHFTPRIQRLNELEAQTRVKLGG
GGARDYTLRTFGEMADAFKSDYFNMPVHMVPTELVEKEFWRLVSTIEEDVTVEYGADIASKEFGSGFPVRDGKIKLSPEE
EEYLDSGWNLNNMPVMEQSVLAHITADICGMKLPWLYVGMCFSSFCWHIEDHWSYSINYLHWGEPKTWYGVPGYAAEQLE
NVMKKLAPELFVSQPDLLHQLVTIMNPNTLMTHEVPVYRTNQCAGEFVITFPRAYHSGFNQGFNFAEAVNFCTVDWLPLG
RQCVEHYRLLHRYCVFSHDEMICKMASKADVLDVVVASTVQKDMAIMIEDEKALRETVRKLGVIDSERMDFELLPDDERQ
CVKCKTTCFMSAISCSCKPGLLVCLHHVKELCSCPPYKYKLRYRYTLDDLYPMMNALKLRAESYNEWALNVNEALEAKIN
K
;
_entity_poly.pdbx_strand_id   A
#
# COMPACT_ATOMS: atom_id res chain seq x y z
N MET A 2 18.37 12.58 24.23
CA MET A 2 18.28 11.14 24.08
C MET A 2 17.33 10.77 22.92
N PHE A 3 16.03 11.02 23.07
CA PHE A 3 15.11 10.97 21.95
C PHE A 3 14.45 12.33 21.78
N LEU A 4 14.56 12.89 20.59
CA LEU A 4 13.99 14.20 20.29
C LEU A 4 12.83 13.99 19.33
N PRO A 5 11.59 14.17 19.77
CA PRO A 5 10.44 13.87 18.91
C PRO A 5 10.44 14.74 17.67
N PRO A 6 10.21 14.15 16.51
CA PRO A 6 10.10 14.93 15.26
C PRO A 6 8.98 15.95 15.34
N PRO A 7 8.96 16.94 14.46
CA PRO A 7 7.83 17.88 14.46
C PRO A 7 6.54 17.17 14.08
N GLU A 8 5.43 17.72 14.56
CA GLU A 8 4.11 17.14 14.30
C GLU A 8 3.72 17.30 12.84
N CYS A 9 3.06 16.28 12.28
CA CYS A 9 2.53 16.34 10.92
C CYS A 9 1.26 17.18 10.91
N PRO A 10 0.79 17.60 9.71
CA PRO A 10 -0.42 18.41 9.65
C PRO A 10 -1.65 17.66 10.17
N VAL A 11 -2.54 18.39 10.83
CA VAL A 11 -3.81 17.86 11.32
C VAL A 11 -4.93 18.66 10.71
N PHE A 12 -5.86 17.98 10.06
CA PHE A 12 -6.99 18.63 9.40
C PHE A 12 -8.28 18.32 10.15
N GLU A 13 -9.18 19.31 10.19
CA GLU A 13 -10.49 19.18 10.83
C GLU A 13 -11.51 19.69 9.83
N PRO A 14 -11.82 18.91 8.81
CA PRO A 14 -12.73 19.37 7.77
C PRO A 14 -14.13 19.57 8.31
N SER A 15 -14.82 20.59 7.78
CA SER A 15 -16.23 20.76 8.03
C SER A 15 -17.02 19.65 7.35
N TRP A 16 -18.32 19.62 7.62
CA TRP A 16 -19.15 18.58 7.00
C TRP A 16 -19.11 18.66 5.49
N GLU A 17 -19.26 19.87 4.93
CA GLU A 17 -19.25 20.02 3.48
C GLU A 17 -17.94 19.54 2.88
N GLU A 18 -16.81 19.86 3.52
CA GLU A 18 -15.52 19.41 3.02
C GLU A 18 -15.35 17.91 3.20
N PHE A 19 -15.84 17.37 4.31
CA PHE A 19 -15.72 15.94 4.62
C PHE A 19 -16.57 15.07 3.70
N ALA A 20 -17.54 15.65 3.00
CA ALA A 20 -18.45 14.88 2.14
C ALA A 20 -17.69 13.94 1.21
N ASP A 21 -17.01 14.50 0.20
CA ASP A 21 -16.26 13.70 -0.76
C ASP A 21 -14.85 13.50 -0.24
N PRO A 22 -14.46 12.28 0.16
CA PRO A 22 -13.09 12.08 0.64
C PRO A 22 -12.03 12.32 -0.42
N PHE A 23 -12.33 12.03 -1.69
CA PHE A 23 -11.32 12.23 -2.73
C PHE A 23 -11.13 13.71 -3.04
N ALA A 24 -12.21 14.49 -3.01
CA ALA A 24 -12.08 15.94 -3.19
C ALA A 24 -11.28 16.55 -2.05
N PHE A 25 -11.47 16.05 -0.83
CA PHE A 25 -10.74 16.58 0.31
C PHE A 25 -9.26 16.21 0.25
N ILE A 26 -8.96 14.97 -0.11
CA ILE A 26 -7.56 14.55 -0.22
C ILE A 26 -6.85 15.35 -1.30
N HIS A 27 -7.55 15.63 -2.40
CA HIS A 27 -6.99 16.48 -3.45
C HIS A 27 -6.73 17.89 -2.91
N LYS A 28 -7.63 18.39 -2.06
CA LYS A 28 -7.47 19.73 -1.50
C LYS A 28 -6.23 19.82 -0.61
N ILE A 29 -6.03 18.84 0.27
CA ILE A 29 -4.93 18.92 1.23
C ILE A 29 -3.61 18.44 0.67
N ARG A 30 -3.60 17.89 -0.54
CA ARG A 30 -2.39 17.28 -1.08
C ARG A 30 -1.18 18.22 -1.13
N PRO A 31 -1.28 19.49 -1.51
CA PRO A 31 -0.08 20.34 -1.52
C PRO A 31 0.57 20.48 -0.16
N ILE A 32 -0.20 20.46 0.92
CA ILE A 32 0.37 20.54 2.26
C ILE A 32 0.90 19.19 2.71
N ALA A 33 0.08 18.15 2.59
CA ALA A 33 0.40 16.87 3.19
C ALA A 33 1.47 16.10 2.42
N GLU A 34 1.58 16.32 1.11
CA GLU A 34 2.64 15.64 0.38
C GLU A 34 4.02 16.16 0.78
N GLN A 35 4.09 17.31 1.46
CA GLN A 35 5.35 17.81 1.99
C GLN A 35 5.76 17.11 3.27
N THR A 36 4.84 16.41 3.92
CA THR A 36 5.12 15.72 5.18
C THR A 36 4.95 14.22 5.10
N GLY A 37 4.40 13.70 4.01
CA GLY A 37 4.18 12.26 3.86
C GLY A 37 2.95 11.68 4.50
N ILE A 38 2.69 12.04 5.76
CA ILE A 38 1.51 11.61 6.48
C ILE A 38 0.76 12.85 6.98
N CYS A 39 -0.52 12.67 7.25
CA CYS A 39 -1.32 13.71 7.86
C CYS A 39 -2.47 13.05 8.60
N LYS A 40 -3.07 13.81 9.51
CA LYS A 40 -4.15 13.32 10.34
C LYS A 40 -5.43 14.06 9.96
N VAL A 41 -6.55 13.33 9.92
CA VAL A 41 -7.85 13.89 9.62
C VAL A 41 -8.76 13.59 10.81
N ARG A 42 -9.23 14.65 11.48
CA ARG A 42 -10.26 14.53 12.51
C ARG A 42 -11.62 14.71 11.86
N PRO A 43 -12.48 13.70 11.85
CA PRO A 43 -13.79 13.84 11.20
C PRO A 43 -14.66 14.82 11.96
N PRO A 44 -15.73 15.31 11.34
CA PRO A 44 -16.67 16.19 12.05
C PRO A 44 -17.17 15.53 13.33
N PRO A 45 -17.53 16.32 14.34
CA PRO A 45 -17.80 15.74 15.67
C PRO A 45 -18.93 14.73 15.68
N ASP A 46 -19.94 14.88 14.82
CA ASP A 46 -21.06 13.95 14.80
C ASP A 46 -20.86 12.78 13.83
N TRP A 47 -19.77 12.77 13.06
CA TRP A 47 -19.42 11.58 12.29
C TRP A 47 -18.88 10.56 13.27
N GLN A 48 -19.73 9.61 13.68
CA GLN A 48 -19.35 8.60 14.66
C GLN A 48 -19.94 7.27 14.19
N PRO A 49 -19.16 6.49 13.46
CA PRO A 49 -19.64 5.19 12.99
C PRO A 49 -19.84 4.26 14.17
N PRO A 50 -20.88 3.42 14.15
CA PRO A 50 -21.12 2.52 15.26
C PRO A 50 -20.08 1.41 15.26
N PHE A 51 -19.50 1.15 16.42
CA PHE A 51 -18.63 0.00 16.59
C PHE A 51 -19.24 -0.94 17.62
N ALA A 52 -19.55 -2.16 17.18
CA ALA A 52 -20.12 -3.19 18.04
C ALA A 52 -19.52 -4.53 17.64
N CYS A 53 -18.99 -5.24 18.63
CA CYS A 53 -18.43 -6.56 18.40
C CYS A 53 -18.45 -7.34 19.71
N ASP A 54 -18.57 -8.66 19.60
CA ASP A 54 -18.47 -9.55 20.75
C ASP A 54 -17.00 -9.95 20.89
N VAL A 55 -16.35 -9.47 21.94
CA VAL A 55 -14.93 -9.73 22.13
C VAL A 55 -14.64 -11.22 22.31
N ASP A 56 -15.65 -12.02 22.64
CA ASP A 56 -15.45 -13.45 22.84
C ASP A 56 -15.56 -14.27 21.56
N LYS A 57 -16.22 -13.75 20.53
CA LYS A 57 -16.43 -14.48 19.28
C LYS A 57 -15.46 -14.08 18.18
N LEU A 58 -14.72 -12.99 18.35
CA LEU A 58 -13.67 -12.60 17.40
C LEU A 58 -12.38 -13.31 17.78
N HIS A 59 -11.90 -14.15 16.88
N HIS A 59 -11.85 -14.12 16.88
CA HIS A 59 -10.67 -14.91 17.03
CA HIS A 59 -10.61 -14.84 17.15
C HIS A 59 -9.69 -14.46 15.95
C HIS A 59 -9.69 -14.76 15.94
N PHE A 60 -8.39 -14.63 16.23
CA PHE A 60 -7.38 -14.43 15.20
C PHE A 60 -6.09 -15.11 15.64
N THR A 61 -5.26 -15.44 14.67
CA THR A 61 -3.96 -16.01 14.94
C THR A 61 -2.97 -14.89 15.20
N PRO A 62 -2.31 -14.85 16.36
CA PRO A 62 -1.37 -13.78 16.64
C PRO A 62 -0.05 -13.96 15.89
N ARG A 63 0.61 -12.82 15.64
CA ARG A 63 1.96 -12.79 15.11
C ARG A 63 2.91 -12.31 16.20
N ILE A 64 4.10 -12.90 16.22
CA ILE A 64 5.13 -12.61 17.22
C ILE A 64 6.12 -11.63 16.62
N GLN A 65 6.60 -10.68 17.43
CA GLN A 65 7.50 -9.64 16.95
C GLN A 65 8.56 -9.33 17.99
N ARG A 66 9.83 -9.47 17.59
CA ARG A 66 10.97 -9.00 18.34
C ARG A 66 11.21 -7.52 18.04
N LEU A 67 11.64 -6.77 19.05
CA LEU A 67 11.75 -5.32 18.97
C LEU A 67 13.22 -4.91 19.06
N ASN A 68 13.92 -5.04 17.93
CA ASN A 68 15.34 -4.72 17.85
C ASN A 68 15.59 -3.81 16.66
N GLU A 69 16.15 -2.64 16.92
CA GLU A 69 16.43 -1.70 15.85
C GLU A 69 17.40 -2.32 14.85
N LEU A 70 17.15 -2.07 13.57
CA LEU A 70 17.95 -2.50 12.44
C LEU A 70 17.92 -4.01 12.20
N GLU A 71 17.13 -4.76 12.95
CA GLU A 71 16.99 -6.19 12.72
C GLU A 71 15.98 -6.44 11.59
N ALA A 72 16.30 -7.41 10.75
CA ALA A 72 15.44 -7.72 9.60
C ALA A 72 14.13 -8.35 10.04
N GLN A 73 13.02 -7.80 9.55
CA GLN A 73 11.70 -8.39 9.70
C GLN A 73 11.10 -8.57 8.32
N THR A 74 10.19 -9.55 8.20
CA THR A 74 9.50 -9.82 6.95
C THR A 74 8.14 -9.13 6.96
N ARG A 75 7.73 -8.60 5.79
CA ARG A 75 6.42 -7.99 5.69
C ARG A 75 5.33 -9.02 5.92
N VAL A 76 4.28 -8.61 6.64
CA VAL A 76 3.23 -9.54 7.01
C VAL A 76 2.56 -10.10 5.75
N LYS A 77 2.32 -11.40 5.75
CA LYS A 77 1.63 -12.07 4.67
C LYS A 77 0.19 -12.38 5.09
N LEU A 78 -0.60 -12.92 4.15
CA LEU A 78 -1.98 -13.27 4.44
C LEU A 78 -2.12 -14.78 4.70
N ARG A 84 -2.42 -21.93 17.23
CA ARG A 84 -2.36 -20.83 18.18
C ARG A 84 -3.44 -19.79 17.87
N ASP A 85 -4.10 -19.27 18.89
CA ASP A 85 -5.29 -18.45 18.67
C ASP A 85 -5.66 -17.66 19.92
N TYR A 86 -5.93 -16.38 19.73
CA TYR A 86 -6.51 -15.52 20.76
C TYR A 86 -7.94 -15.15 20.38
N THR A 87 -8.79 -14.99 21.38
CA THR A 87 -9.97 -14.17 21.16
C THR A 87 -9.59 -12.72 21.40
N LEU A 88 -10.45 -11.82 20.93
CA LEU A 88 -10.18 -10.40 21.18
C LEU A 88 -10.12 -10.10 22.67
N ARG A 89 -10.94 -10.80 23.48
CA ARG A 89 -10.88 -10.60 24.92
C ARG A 89 -9.56 -11.09 25.50
N THR A 90 -9.16 -12.33 25.19
CA THR A 90 -7.94 -12.85 25.81
C THR A 90 -6.70 -12.12 25.31
N PHE A 91 -6.73 -11.63 24.07
CA PHE A 91 -5.64 -10.77 23.62
C PHE A 91 -5.62 -9.47 24.41
N GLY A 92 -6.79 -8.87 24.64
CA GLY A 92 -6.84 -7.62 25.37
C GLY A 92 -6.36 -7.79 26.81
N GLU A 93 -6.74 -8.90 27.44
CA GLU A 93 -6.24 -9.15 28.79
C GLU A 93 -4.73 -9.35 28.80
N MET A 94 -4.20 -10.04 27.79
CA MET A 94 -2.74 -10.18 27.69
C MET A 94 -2.08 -8.84 27.44
N ALA A 95 -2.66 -8.02 26.55
CA ALA A 95 -2.04 -6.74 26.21
C ALA A 95 -2.05 -5.79 27.39
N ASP A 96 -3.17 -5.74 28.12
CA ASP A 96 -3.29 -4.83 29.24
C ASP A 96 -2.38 -5.24 30.39
N ALA A 97 -2.32 -6.54 30.69
CA ALA A 97 -1.41 -7.02 31.72
C ALA A 97 0.04 -6.74 31.35
N PHE A 98 0.38 -6.85 30.05
CA PHE A 98 1.75 -6.59 29.63
C PHE A 98 2.14 -5.14 29.89
N LYS A 99 1.31 -4.20 29.43
CA LYS A 99 1.65 -2.79 29.58
C LYS A 99 1.69 -2.40 31.05
N SER A 100 0.70 -2.82 31.83
CA SER A 100 0.65 -2.41 33.23
C SER A 100 1.78 -3.03 34.04
N ASP A 101 2.22 -4.24 33.66
CA ASP A 101 3.36 -4.86 34.35
C ASP A 101 4.68 -4.27 33.87
N TYR A 102 4.75 -3.85 32.61
CA TYR A 102 5.95 -3.22 32.09
C TYR A 102 6.26 -1.93 32.83
N PHE A 103 5.23 -1.13 33.14
CA PHE A 103 5.42 0.17 33.75
C PHE A 103 5.02 0.22 35.22
N ASN A 104 4.41 -0.84 35.76
CA ASN A 104 3.85 -0.84 37.11
C ASN A 104 2.92 0.35 37.32
N MET A 105 2.13 0.65 36.30
CA MET A 105 1.16 1.73 36.33
C MET A 105 -0.15 1.22 35.72
N PRO A 106 -1.29 1.76 36.15
CA PRO A 106 -2.57 1.36 35.54
C PRO A 106 -2.52 1.53 34.02
N VAL A 107 -3.07 0.52 33.32
CA VAL A 107 -2.87 0.36 31.89
C VAL A 107 -3.11 1.64 31.11
N HIS A 108 -4.06 2.46 31.55
N HIS A 108 -4.07 2.47 31.55
CA HIS A 108 -4.45 3.65 30.81
CA HIS A 108 -4.50 3.67 30.85
C HIS A 108 -3.92 4.93 31.44
C HIS A 108 -3.63 4.88 31.18
N MET A 109 -2.89 4.85 32.28
CA MET A 109 -2.30 6.04 32.89
C MET A 109 -0.83 6.27 32.52
N VAL A 110 -0.32 5.60 31.50
CA VAL A 110 1.08 5.74 31.09
C VAL A 110 1.16 6.85 30.05
N PRO A 111 1.88 7.94 30.31
CA PRO A 111 2.00 9.03 29.33
C PRO A 111 2.49 8.54 27.97
N THR A 112 1.94 9.13 26.90
CA THR A 112 2.36 8.74 25.55
C THR A 112 3.80 9.15 25.27
N GLU A 113 4.24 10.29 25.83
CA GLU A 113 5.63 10.70 25.70
C GLU A 113 6.57 9.65 26.28
N LEU A 114 6.22 9.08 27.43
CA LEU A 114 7.07 8.06 28.05
C LEU A 114 7.10 6.79 27.22
N VAL A 115 5.95 6.36 26.69
CA VAL A 115 5.92 5.16 25.86
C VAL A 115 6.81 5.35 24.65
N GLU A 116 6.77 6.53 24.03
CA GLU A 116 7.62 6.80 22.88
C GLU A 116 9.10 6.74 23.25
N LYS A 117 9.49 7.45 24.32
CA LYS A 117 10.88 7.39 24.80
C LYS A 117 11.28 5.95 25.12
N GLU A 118 10.41 5.21 25.79
CA GLU A 118 10.78 3.86 26.19
C GLU A 118 10.90 2.93 25.00
N PHE A 119 10.05 3.12 23.98
CA PHE A 119 10.13 2.28 22.80
C PHE A 119 11.50 2.40 22.14
N TRP A 120 11.96 3.63 21.91
CA TRP A 120 13.23 3.83 21.25
C TRP A 120 14.41 3.45 22.13
N ARG A 121 14.21 3.37 23.45
CA ARG A 121 15.26 2.85 24.30
C ARG A 121 15.36 1.33 24.17
N LEU A 122 14.23 0.62 24.24
CA LEU A 122 14.30 -0.84 24.28
C LEU A 122 14.72 -1.42 22.93
N VAL A 123 14.32 -0.79 21.81
CA VAL A 123 14.70 -1.34 20.51
C VAL A 123 16.19 -1.17 20.24
N SER A 124 16.84 -0.24 20.92
CA SER A 124 18.26 0.01 20.71
C SER A 124 19.16 -0.72 21.68
N THR A 125 18.63 -1.22 22.80
CA THR A 125 19.42 -1.89 23.82
C THR A 125 19.52 -3.38 23.49
N ILE A 126 20.74 -3.88 23.32
CA ILE A 126 20.92 -5.30 23.05
C ILE A 126 20.51 -6.13 24.26
N GLU A 127 20.64 -5.58 25.47
CA GLU A 127 20.31 -6.33 26.68
C GLU A 127 18.83 -6.66 26.75
N GLU A 128 17.98 -5.70 26.37
CA GLU A 128 16.54 -5.93 26.39
C GLU A 128 16.15 -6.94 25.32
N ASP A 129 15.20 -7.82 25.68
CA ASP A 129 14.71 -8.86 24.79
C ASP A 129 13.18 -8.88 24.81
N VAL A 130 12.58 -7.75 24.46
CA VAL A 130 11.14 -7.59 24.54
C VAL A 130 10.49 -8.20 23.31
N THR A 131 9.51 -9.07 23.52
CA THR A 131 8.74 -9.69 22.45
C THR A 131 7.28 -9.37 22.66
N VAL A 132 6.60 -8.92 21.60
CA VAL A 132 5.18 -8.61 21.66
C VAL A 132 4.41 -9.38 20.59
N GLU A 133 3.09 -9.24 20.62
CA GLU A 133 2.21 -9.94 19.69
C GLU A 133 1.20 -8.95 19.12
N TYR A 134 0.65 -9.30 17.98
CA TYR A 134 -0.31 -8.42 17.32
C TYR A 134 -1.11 -9.24 16.32
N GLY A 135 -2.20 -8.64 15.83
CA GLY A 135 -3.05 -9.25 14.83
C GLY A 135 -2.99 -8.43 13.55
N ALA A 136 -2.95 -9.11 12.42
CA ALA A 136 -2.97 -8.42 11.13
C ALA A 136 -3.50 -9.39 10.10
N ASP A 137 -4.62 -9.05 9.46
CA ASP A 137 -5.17 -9.86 8.38
C ASP A 137 -6.31 -9.07 7.74
N ILE A 138 -6.78 -9.58 6.59
CA ILE A 138 -7.97 -9.01 5.96
C ILE A 138 -9.20 -9.53 6.70
N ALA A 139 -10.36 -8.95 6.40
CA ALA A 139 -11.59 -9.39 7.05
C ALA A 139 -11.92 -10.83 6.66
N SER A 140 -12.46 -11.57 7.63
CA SER A 140 -12.93 -12.94 7.43
C SER A 140 -14.16 -13.15 8.32
N LYS A 141 -14.73 -14.35 8.23
CA LYS A 141 -15.91 -14.67 9.03
C LYS A 141 -15.58 -14.69 10.52
N GLU A 142 -14.37 -15.11 10.89
CA GLU A 142 -13.98 -15.14 12.29
C GLU A 142 -13.57 -13.78 12.82
N PHE A 143 -13.39 -12.78 11.94
CA PHE A 143 -12.99 -11.45 12.37
C PHE A 143 -13.27 -10.49 11.21
N GLY A 144 -14.39 -9.78 11.29
CA GLY A 144 -14.86 -8.95 10.20
C GLY A 144 -14.45 -7.49 10.32
N SER A 145 -14.87 -6.72 9.33
CA SER A 145 -14.55 -5.30 9.26
C SER A 145 -15.09 -4.54 10.47
N GLY A 146 -14.37 -3.50 10.87
CA GLY A 146 -14.87 -2.61 11.90
C GLY A 146 -15.95 -1.66 11.43
N PHE A 147 -16.07 -1.45 10.12
CA PHE A 147 -17.15 -0.66 9.56
C PHE A 147 -18.33 -1.55 9.19
N PRO A 148 -19.54 -1.01 9.13
CA PRO A 148 -20.70 -1.83 8.75
C PRO A 148 -20.61 -2.27 7.29
N VAL A 149 -21.05 -3.49 7.04
CA VAL A 149 -21.12 -4.05 5.70
C VAL A 149 -22.51 -4.65 5.52
N ARG A 150 -22.95 -4.72 4.27
CA ARG A 150 -24.31 -5.17 3.98
C ARG A 150 -24.45 -6.66 4.26
N ASP A 151 -25.42 -7.02 5.10
CA ASP A 151 -25.74 -8.39 5.46
C ASP A 151 -24.51 -9.24 5.80
N LYS A 155 -27.19 -9.82 10.01
CA LYS A 155 -28.35 -9.96 9.14
C LYS A 155 -29.03 -8.62 8.90
N LEU A 156 -29.98 -8.27 9.78
CA LEU A 156 -30.66 -6.98 9.71
C LEU A 156 -29.82 -5.92 10.41
N SER A 157 -29.37 -4.91 9.66
CA SER A 157 -28.58 -3.84 10.21
C SER A 157 -29.48 -2.80 10.89
N PRO A 158 -28.97 -2.11 11.95
CA PRO A 158 -29.75 -1.06 12.60
C PRO A 158 -29.86 0.18 11.72
N GLU A 159 -30.53 1.23 12.22
CA GLU A 159 -30.57 2.47 11.47
C GLU A 159 -29.19 3.12 11.34
N GLU A 160 -28.18 2.58 12.03
CA GLU A 160 -26.80 2.99 11.73
C GLU A 160 -26.30 2.24 10.50
N GLU A 161 -27.13 2.22 9.46
CA GLU A 161 -26.73 1.88 8.10
C GLU A 161 -26.49 3.14 7.28
N GLU A 162 -26.52 4.31 7.92
CA GLU A 162 -26.17 5.55 7.26
C GLU A 162 -24.67 5.66 7.00
N TYR A 163 -23.86 4.83 7.67
CA TYR A 163 -22.43 4.74 7.40
C TYR A 163 -22.09 3.61 6.42
N LEU A 164 -23.10 2.97 5.85
CA LEU A 164 -22.84 1.90 4.88
C LEU A 164 -22.24 2.45 3.60
N ASP A 165 -22.77 3.56 3.10
CA ASP A 165 -22.34 4.13 1.82
C ASP A 165 -21.39 5.31 1.98
N SER A 166 -20.85 5.53 3.17
CA SER A 166 -19.94 6.62 3.40
C SER A 166 -18.65 6.41 2.61
N GLY A 167 -18.14 7.49 2.01
CA GLY A 167 -16.84 7.42 1.37
C GLY A 167 -15.73 7.08 2.36
N TRP A 168 -15.91 7.41 3.63
CA TRP A 168 -14.91 7.14 4.65
C TRP A 168 -15.11 5.78 5.32
N ASN A 169 -16.12 5.02 4.93
CA ASN A 169 -16.18 3.60 5.25
C ASN A 169 -15.16 2.89 4.36
N LEU A 170 -14.09 2.37 4.98
CA LEU A 170 -12.97 1.89 4.19
C LEU A 170 -13.32 0.66 3.35
N ASN A 171 -14.39 -0.05 3.67
CA ASN A 171 -14.85 -1.12 2.79
C ASN A 171 -15.33 -0.61 1.44
N ASN A 172 -15.70 0.67 1.35
CA ASN A 172 -16.16 1.22 0.09
C ASN A 172 -15.01 1.67 -0.81
N MET A 173 -13.79 1.76 -0.28
CA MET A 173 -12.65 2.17 -1.11
C MET A 173 -12.36 1.23 -2.27
N PRO A 174 -12.40 -0.11 -2.11
CA PRO A 174 -12.17 -0.99 -3.27
C PRO A 174 -13.30 -0.98 -4.30
N VAL A 175 -14.32 -0.14 -4.09
CA VAL A 175 -15.43 -0.05 -5.03
C VAL A 175 -15.70 1.39 -5.50
N MET A 176 -15.17 2.43 -4.87
CA MET A 176 -15.51 3.79 -5.30
C MET A 176 -14.89 4.08 -6.66
N GLU A 177 -15.62 4.86 -7.48
CA GLU A 177 -15.22 5.07 -8.86
C GLU A 177 -13.92 5.86 -8.98
N GLN A 178 -13.70 6.83 -8.07
N GLN A 178 -13.70 6.83 -8.07
CA GLN A 178 -12.52 7.69 -8.15
CA GLN A 178 -12.52 7.69 -8.15
C GLN A 178 -11.24 6.99 -7.74
C GLN A 178 -11.24 6.98 -7.75
N SER A 179 -11.33 5.76 -7.24
CA SER A 179 -10.15 4.93 -6.96
C SER A 179 -9.90 4.05 -8.18
N VAL A 180 -8.78 4.29 -8.87
CA VAL A 180 -8.52 3.52 -10.08
C VAL A 180 -8.25 2.05 -9.75
N LEU A 181 -7.84 1.73 -8.51
CA LEU A 181 -7.71 0.33 -8.11
C LEU A 181 -9.03 -0.42 -8.17
N ALA A 182 -10.17 0.29 -8.11
CA ALA A 182 -11.46 -0.39 -8.14
C ALA A 182 -11.71 -1.06 -9.48
N HIS A 183 -11.11 -0.55 -10.56
CA HIS A 183 -11.35 -1.10 -11.88
C HIS A 183 -10.51 -2.34 -12.17
N ILE A 184 -9.61 -2.72 -11.26
CA ILE A 184 -8.75 -3.88 -11.51
C ILE A 184 -9.56 -5.16 -11.35
N THR A 185 -9.63 -5.95 -12.42
CA THR A 185 -10.31 -7.24 -12.39
C THR A 185 -9.49 -8.29 -11.65
N ALA A 186 -8.16 -8.16 -11.67
CA ALA A 186 -7.31 -9.14 -11.00
C ALA A 186 -7.65 -9.22 -9.51
N ASP A 187 -7.38 -10.39 -8.93
CA ASP A 187 -7.62 -10.63 -7.51
C ASP A 187 -6.36 -10.25 -6.74
N ILE A 188 -6.33 -9.00 -6.27
CA ILE A 188 -5.21 -8.49 -5.49
C ILE A 188 -5.69 -8.20 -4.08
N CYS A 189 -6.24 -9.23 -3.43
CA CYS A 189 -6.90 -9.06 -2.13
C CYS A 189 -5.98 -8.47 -1.08
N GLY A 190 -4.68 -8.74 -1.17
CA GLY A 190 -3.73 -8.14 -0.24
C GLY A 190 -3.67 -6.63 -0.33
N MET A 191 -4.07 -6.06 -1.46
CA MET A 191 -4.02 -4.62 -1.69
C MET A 191 -5.39 -3.97 -1.83
N LYS A 192 -6.39 -4.68 -2.36
CA LYS A 192 -7.70 -4.07 -2.60
C LYS A 192 -8.56 -4.06 -1.34
N LEU A 193 -8.45 -5.09 -0.49
CA LEU A 193 -9.33 -5.24 0.66
C LEU A 193 -8.70 -4.62 1.90
N PRO A 194 -9.51 -4.11 2.81
CA PRO A 194 -8.96 -3.48 4.02
C PRO A 194 -8.29 -4.50 4.92
N TRP A 195 -7.28 -4.04 5.64
CA TRP A 195 -6.57 -4.87 6.61
C TRP A 195 -7.01 -4.47 8.01
N LEU A 196 -7.06 -5.45 8.91
CA LEU A 196 -7.42 -5.25 10.30
C LEU A 196 -6.18 -5.44 11.16
N TYR A 197 -5.89 -4.47 12.03
CA TYR A 197 -4.70 -4.52 12.86
C TYR A 197 -5.10 -4.42 14.31
N VAL A 198 -4.80 -5.46 15.09
CA VAL A 198 -5.02 -5.48 16.52
C VAL A 198 -3.65 -5.28 17.18
N GLY A 199 -3.47 -4.16 17.87
CA GLY A 199 -2.20 -3.79 18.44
C GLY A 199 -2.16 -3.93 19.95
N MET A 200 -0.94 -3.88 20.48
CA MET A 200 -0.68 -3.81 21.90
C MET A 200 0.53 -2.91 22.09
N CYS A 201 0.82 -2.57 23.35
CA CYS A 201 1.95 -1.69 23.65
C CYS A 201 3.22 -2.20 22.99
N PHE A 202 3.83 -1.33 22.18
CA PHE A 202 5.12 -1.50 21.51
C PHE A 202 5.03 -2.32 20.22
N SER A 203 3.89 -2.94 19.90
CA SER A 203 3.81 -3.63 18.62
C SER A 203 3.92 -2.59 17.51
N SER A 204 4.70 -2.90 16.48
CA SER A 204 5.17 -1.82 15.62
C SER A 204 5.12 -2.24 14.15
N PHE A 205 4.98 -1.24 13.30
CA PHE A 205 5.11 -1.45 11.86
C PHE A 205 6.41 -0.81 11.42
N CYS A 206 7.22 -1.58 10.71
CA CYS A 206 8.53 -1.13 10.27
C CYS A 206 8.40 -0.10 9.16
N TRP A 207 9.53 0.56 8.88
CA TRP A 207 9.59 1.53 7.80
C TRP A 207 9.24 0.88 6.47
N HIS A 208 8.25 1.43 5.77
CA HIS A 208 7.90 0.91 4.46
C HIS A 208 7.09 1.94 3.69
N ILE A 209 6.99 1.71 2.40
CA ILE A 209 6.06 2.41 1.52
C ILE A 209 5.03 1.42 1.01
N GLU A 210 3.87 1.92 0.63
CA GLU A 210 2.82 1.05 0.12
C GLU A 210 3.12 0.65 -1.31
N ASP A 211 2.65 -0.54 -1.68
CA ASP A 211 2.94 -1.11 -2.99
C ASP A 211 2.44 -0.21 -4.11
N HIS A 212 3.18 -0.20 -5.22
CA HIS A 212 2.92 0.64 -6.39
C HIS A 212 2.85 2.12 -6.02
N TRP A 213 3.48 2.51 -4.92
CA TRP A 213 3.49 3.89 -4.43
C TRP A 213 2.07 4.43 -4.25
N SER A 214 1.17 3.59 -3.78
CA SER A 214 -0.21 4.02 -3.60
C SER A 214 -0.36 4.81 -2.30
N TYR A 215 -1.51 5.49 -2.20
CA TYR A 215 -1.92 6.05 -0.92
C TYR A 215 -2.32 4.93 0.04
N SER A 216 -2.41 5.26 1.31
CA SER A 216 -3.18 4.45 2.23
C SER A 216 -3.91 5.36 3.20
N ILE A 217 -5.01 4.85 3.73
CA ILE A 217 -5.80 5.54 4.73
C ILE A 217 -6.07 4.55 5.84
N ASN A 218 -5.91 5.02 7.08
CA ASN A 218 -5.89 4.18 8.26
C ASN A 218 -6.81 4.81 9.29
N TYR A 219 -7.76 4.02 9.78
CA TYR A 219 -8.71 4.50 10.78
C TYR A 219 -8.52 3.72 12.07
N LEU A 220 -8.37 4.42 13.18
CA LEU A 220 -8.30 3.79 14.49
C LEU A 220 -9.72 3.71 15.06
N HIS A 221 -10.29 2.50 15.09
CA HIS A 221 -11.66 2.34 15.57
C HIS A 221 -11.76 2.62 17.06
N TRP A 222 -10.86 2.04 17.85
N TRP A 222 -10.84 2.07 17.84
CA TRP A 222 -10.88 2.23 19.29
CA TRP A 222 -10.92 2.09 19.29
C TRP A 222 -9.55 1.81 19.88
C TRP A 222 -9.55 1.78 19.88
N GLY A 223 -9.32 2.22 21.12
CA GLY A 223 -8.17 1.83 21.88
C GLY A 223 -7.21 2.97 22.12
N GLU A 224 -6.03 2.60 22.61
CA GLU A 224 -5.00 3.57 22.89
C GLU A 224 -4.38 4.06 21.58
N PRO A 225 -3.69 5.20 21.60
CA PRO A 225 -3.27 5.80 20.34
C PRO A 225 -2.25 4.96 19.59
N LYS A 226 -2.10 5.30 18.31
CA LYS A 226 -1.08 4.76 17.43
C LYS A 226 -0.12 5.90 17.11
N THR A 227 1.18 5.66 17.32
CA THR A 227 2.20 6.68 17.07
C THR A 227 2.80 6.43 15.69
N TRP A 228 2.85 7.48 14.86
CA TRP A 228 3.32 7.41 13.49
C TRP A 228 4.56 8.26 13.26
N TYR A 229 5.44 7.77 12.39
CA TYR A 229 6.51 8.58 11.82
C TYR A 229 6.35 8.54 10.31
N GLY A 230 6.44 9.70 9.67
CA GLY A 230 6.24 9.79 8.24
C GLY A 230 7.33 10.61 7.57
N VAL A 231 7.63 10.23 6.34
CA VAL A 231 8.67 10.89 5.54
C VAL A 231 8.04 11.25 4.20
N PRO A 232 8.18 12.50 3.73
CA PRO A 232 7.55 12.87 2.45
C PRO A 232 8.12 12.08 1.29
N GLY A 233 7.31 11.97 0.23
CA GLY A 233 7.68 11.16 -0.91
C GLY A 233 8.95 11.64 -1.61
N TYR A 234 9.24 12.94 -1.55
CA TYR A 234 10.40 13.44 -2.26
C TYR A 234 11.71 13.01 -1.60
N ALA A 235 11.65 12.60 -0.33
CA ALA A 235 12.83 12.18 0.42
C ALA A 235 13.01 10.67 0.44
N ALA A 236 12.22 9.94 -0.36
CA ALA A 236 12.26 8.47 -0.33
C ALA A 236 13.66 7.93 -0.61
N GLU A 237 14.33 8.47 -1.64
CA GLU A 237 15.65 7.97 -1.97
C GLU A 237 16.69 8.36 -0.94
N GLN A 238 16.53 9.52 -0.30
CA GLN A 238 17.42 9.87 0.81
C GLN A 238 17.32 8.83 1.92
N LEU A 239 16.09 8.46 2.30
CA LEU A 239 15.93 7.51 3.39
C LEU A 239 16.53 6.15 3.03
N GLU A 240 16.32 5.70 1.79
CA GLU A 240 16.84 4.41 1.39
C GLU A 240 18.36 4.40 1.40
N ASN A 241 19.00 5.51 1.05
CA ASN A 241 20.45 5.57 1.11
C ASN A 241 20.95 5.49 2.55
N VAL A 242 20.25 6.14 3.48
CA VAL A 242 20.63 6.07 4.88
C VAL A 242 20.53 4.63 5.37
N MET A 243 19.42 3.96 5.04
CA MET A 243 19.23 2.60 5.52
C MET A 243 20.17 1.61 4.83
N LYS A 244 20.56 1.88 3.58
CA LYS A 244 21.54 1.03 2.91
C LYS A 244 22.88 1.06 3.64
N LYS A 245 23.25 2.20 4.22
CA LYS A 245 24.51 2.28 4.95
C LYS A 245 24.42 1.52 6.27
N LEU A 246 23.33 1.69 7.01
CA LEU A 246 23.24 1.16 8.35
C LEU A 246 22.72 -0.28 8.39
N ALA A 247 22.08 -0.75 7.34
CA ALA A 247 21.51 -2.11 7.31
C ALA A 247 21.55 -2.64 5.88
N PRO A 248 22.74 -3.00 5.39
CA PRO A 248 22.83 -3.48 3.99
C PRO A 248 22.15 -4.81 3.77
N GLU A 249 22.02 -5.64 4.81
CA GLU A 249 21.41 -6.95 4.65
C GLU A 249 19.94 -6.87 4.24
N LEU A 250 19.28 -5.75 4.52
CA LEU A 250 17.88 -5.59 4.11
C LEU A 250 17.74 -5.41 2.61
N PHE A 251 18.81 -4.99 1.91
CA PHE A 251 18.72 -4.64 0.51
C PHE A 251 19.21 -5.76 -0.41
N VAL A 252 19.35 -6.98 0.11
CA VAL A 252 19.60 -8.14 -0.73
C VAL A 252 18.30 -8.53 -1.43
N SER A 253 18.38 -8.78 -2.74
CA SER A 253 17.19 -9.09 -3.52
C SER A 253 16.55 -10.39 -3.01
N GLN A 254 15.21 -10.41 -3.03
CA GLN A 254 14.43 -11.48 -2.43
C GLN A 254 13.71 -12.29 -3.50
N PRO A 255 13.41 -13.56 -3.22
CA PRO A 255 12.84 -14.43 -4.28
C PRO A 255 11.41 -14.11 -4.65
N ASP A 256 10.61 -13.48 -3.78
CA ASP A 256 9.22 -13.22 -4.10
C ASP A 256 8.74 -12.01 -3.28
N LEU A 257 7.42 -11.77 -3.32
CA LEU A 257 6.84 -10.63 -2.63
C LEU A 257 6.70 -10.88 -1.13
N LEU A 258 6.46 -12.12 -0.72
CA LEU A 258 6.34 -12.47 0.69
C LEU A 258 7.68 -12.67 1.38
N HIS A 259 8.75 -12.08 0.85
CA HIS A 259 10.07 -12.17 1.44
C HIS A 259 10.72 -10.81 1.64
N GLN A 260 9.97 -9.71 1.51
CA GLN A 260 10.54 -8.38 1.63
C GLN A 260 10.98 -8.09 3.06
N LEU A 261 12.16 -7.48 3.20
CA LEU A 261 12.76 -7.21 4.50
C LEU A 261 12.55 -5.74 4.87
N VAL A 262 12.08 -5.51 6.10
CA VAL A 262 11.83 -4.18 6.62
C VAL A 262 12.41 -4.12 8.03
N THR A 263 12.52 -2.91 8.57
CA THR A 263 13.17 -2.78 9.89
C THR A 263 12.66 -1.57 10.65
N ILE A 264 12.89 -1.61 11.95
CA ILE A 264 12.72 -0.49 12.86
C ILE A 264 13.99 0.35 12.82
N MET A 265 13.83 1.67 12.75
CA MET A 265 14.95 2.59 12.80
C MET A 265 14.51 3.90 13.42
N ASN A 266 15.33 4.39 14.35
CA ASN A 266 15.06 5.61 15.08
C ASN A 266 14.95 6.81 14.13
N PRO A 267 13.84 7.53 14.14
CA PRO A 267 13.72 8.72 13.26
C PRO A 267 14.80 9.76 13.50
N ASN A 268 15.34 9.88 14.72
CA ASN A 268 16.45 10.80 14.95
C ASN A 268 17.67 10.43 14.11
N THR A 269 17.87 9.14 13.84
CA THR A 269 18.95 8.75 12.93
C THR A 269 18.70 9.30 11.53
N LEU A 270 17.45 9.26 11.07
CA LEU A 270 17.13 9.86 9.77
C LEU A 270 17.30 11.37 9.81
N MET A 271 16.79 12.01 10.87
CA MET A 271 16.89 13.47 10.99
C MET A 271 18.35 13.92 11.03
N THR A 272 19.22 13.11 11.63
CA THR A 272 20.65 13.44 11.65
C THR A 272 21.23 13.47 10.25
N HIS A 273 20.69 12.64 9.34
CA HIS A 273 21.17 12.59 7.97
C HIS A 273 20.30 13.40 7.01
N GLU A 274 19.62 14.43 7.54
CA GLU A 274 18.92 15.43 6.73
C GLU A 274 17.68 14.87 6.03
N VAL A 275 17.09 13.81 6.57
CA VAL A 275 15.83 13.27 6.08
C VAL A 275 14.70 13.91 6.88
N PRO A 276 13.76 14.61 6.25
CA PRO A 276 12.65 15.19 7.01
C PRO A 276 11.71 14.12 7.52
N VAL A 277 11.45 14.13 8.83
CA VAL A 277 10.58 13.17 9.48
C VAL A 277 9.52 13.93 10.26
N TYR A 278 8.27 13.47 10.18
CA TYR A 278 7.18 14.03 10.96
C TYR A 278 6.51 12.94 11.78
N ARG A 279 5.89 13.32 12.89
CA ARG A 279 5.24 12.37 13.78
C ARG A 279 3.79 12.76 14.01
N THR A 280 3.02 11.81 14.53
CA THR A 280 1.70 12.13 15.08
C THR A 280 1.27 10.98 15.99
N ASN A 281 0.46 11.31 16.99
CA ASN A 281 -0.30 10.33 17.76
C ASN A 281 -1.71 10.27 17.18
N GLN A 282 -2.06 9.15 16.56
CA GLN A 282 -3.41 8.94 16.06
C GLN A 282 -4.26 8.36 17.19
N CYS A 283 -5.34 9.04 17.53
CA CYS A 283 -6.25 8.57 18.57
C CYS A 283 -7.49 7.95 17.94
N ALA A 284 -8.23 7.24 18.79
CA ALA A 284 -9.46 6.58 18.38
C ALA A 284 -10.40 7.54 17.68
N GLY A 285 -10.88 7.16 16.51
CA GLY A 285 -11.78 8.00 15.75
C GLY A 285 -11.10 8.94 14.77
N GLU A 286 -9.79 8.82 14.59
CA GLU A 286 -9.07 9.69 13.68
C GLU A 286 -8.48 8.89 12.54
N PHE A 287 -8.39 9.53 11.37
CA PHE A 287 -7.77 8.95 10.19
C PHE A 287 -6.35 9.45 10.08
N VAL A 288 -5.47 8.57 9.58
CA VAL A 288 -4.15 8.96 9.07
C VAL A 288 -4.12 8.59 7.60
N ILE A 289 -3.61 9.49 6.79
CA ILE A 289 -3.48 9.28 5.35
C ILE A 289 -1.99 9.29 5.01
N THR A 290 -1.53 8.27 4.28
CA THR A 290 -0.17 8.26 3.77
C THR A 290 -0.21 8.52 2.27
N PHE A 291 0.74 9.29 1.80
CA PHE A 291 0.78 9.75 0.41
C PHE A 291 1.76 8.91 -0.40
N PRO A 292 1.69 8.99 -1.73
CA PRO A 292 2.54 8.13 -2.58
C PRO A 292 4.02 8.23 -2.24
N ARG A 293 4.64 7.06 -2.06
CA ARG A 293 6.08 6.91 -1.81
C ARG A 293 6.51 7.55 -0.50
N ALA A 294 5.58 7.74 0.43
CA ALA A 294 5.88 8.32 1.73
C ALA A 294 6.24 7.19 2.69
N TYR A 295 7.51 7.07 3.04
CA TYR A 295 7.92 6.09 4.03
C TYR A 295 7.25 6.39 5.36
N HIS A 296 6.83 5.35 6.06
CA HIS A 296 6.22 5.53 7.36
C HIS A 296 6.45 4.30 8.22
N SER A 297 6.51 4.52 9.53
CA SER A 297 6.61 3.46 10.52
C SER A 297 5.94 3.96 11.79
N GLY A 298 5.88 3.09 12.80
CA GLY A 298 5.30 3.51 14.07
C GLY A 298 5.06 2.33 14.99
N PHE A 299 4.32 2.60 16.06
CA PHE A 299 4.08 1.59 17.06
C PHE A 299 2.80 1.97 17.80
N ASN A 300 2.23 0.99 18.50
CA ASN A 300 1.01 1.20 19.23
C ASN A 300 1.30 1.49 20.69
N GLN A 301 0.57 2.44 21.26
CA GLN A 301 0.70 2.77 22.68
C GLN A 301 0.07 1.72 23.58
N GLY A 302 -0.81 0.90 23.04
CA GLY A 302 -1.49 -0.09 23.84
C GLY A 302 -2.50 -0.85 23.01
N PHE A 303 -3.39 -1.56 23.70
CA PHE A 303 -4.41 -2.35 23.06
C PHE A 303 -5.28 -1.46 22.17
N ASN A 304 -5.36 -1.78 20.88
CA ASN A 304 -6.21 -0.98 20.00
C ASN A 304 -6.59 -1.82 18.78
N PHE A 305 -7.40 -1.21 17.92
CA PHE A 305 -7.94 -1.88 16.74
C PHE A 305 -8.06 -0.85 15.62
N ALA A 306 -7.35 -1.11 14.52
CA ALA A 306 -7.31 -0.19 13.40
C ALA A 306 -7.69 -0.93 12.12
N GLU A 307 -8.05 -0.17 11.10
CA GLU A 307 -8.41 -0.71 9.81
C GLU A 307 -7.82 0.22 8.75
N ALA A 308 -7.22 -0.37 7.71
CA ALA A 308 -6.46 0.38 6.73
C ALA A 308 -6.66 -0.20 5.34
N VAL A 309 -6.61 0.67 4.32
CA VAL A 309 -6.75 0.22 2.95
C VAL A 309 -5.89 1.11 2.05
N ASN A 310 -5.38 0.53 0.97
CA ASN A 310 -4.69 1.29 -0.06
C ASN A 310 -5.71 1.84 -1.04
N PHE A 311 -5.34 2.95 -1.68
CA PHE A 311 -6.15 3.45 -2.78
C PHE A 311 -5.28 4.29 -3.70
N CYS A 312 -5.81 4.55 -4.89
CA CYS A 312 -5.10 5.31 -5.91
C CYS A 312 -6.05 6.30 -6.54
N THR A 313 -5.70 7.58 -6.48
CA THR A 313 -6.44 8.63 -7.15
C THR A 313 -5.93 8.80 -8.59
N VAL A 314 -6.56 9.69 -9.35
CA VAL A 314 -6.09 9.98 -10.70
C VAL A 314 -4.79 10.78 -10.65
N ASP A 315 -4.57 11.55 -9.58
CA ASP A 315 -3.27 12.19 -9.39
C ASP A 315 -2.14 11.19 -9.37
N TRP A 316 -2.45 9.95 -8.99
CA TRP A 316 -1.43 8.94 -8.77
C TRP A 316 -0.97 8.26 -10.06
N LEU A 317 -1.80 8.27 -11.11
CA LEU A 317 -1.50 7.52 -12.33
C LEU A 317 -0.08 7.73 -12.85
N PRO A 318 0.45 8.96 -12.99
CA PRO A 318 1.85 9.08 -13.44
C PRO A 318 2.83 8.44 -12.47
N LEU A 319 2.59 8.59 -11.16
CA LEU A 319 3.48 7.98 -10.18
C LEU A 319 3.42 6.47 -10.26
N GLY A 320 2.23 5.92 -10.52
CA GLY A 320 2.11 4.48 -10.66
C GLY A 320 2.92 3.94 -11.83
N ARG A 321 3.00 4.70 -12.92
CA ARG A 321 3.85 4.30 -14.04
C ARG A 321 5.33 4.42 -13.68
N GLN A 322 5.71 5.50 -12.97
CA GLN A 322 7.09 5.62 -12.53
C GLN A 322 7.46 4.46 -11.62
N CYS A 323 6.55 4.06 -10.72
CA CYS A 323 6.86 3.00 -9.77
C CYS A 323 7.19 1.69 -10.47
N VAL A 324 6.39 1.31 -11.46
CA VAL A 324 6.63 0.06 -12.18
C VAL A 324 7.96 0.12 -12.93
N GLU A 325 8.29 1.27 -13.50
CA GLU A 325 9.62 1.46 -14.07
C GLU A 325 10.70 1.28 -13.00
N HIS A 326 10.47 1.83 -11.82
CA HIS A 326 11.42 1.67 -10.71
C HIS A 326 11.52 0.21 -10.28
N TYR A 327 10.38 -0.50 -10.22
CA TYR A 327 10.42 -1.93 -9.89
C TYR A 327 11.25 -2.69 -10.90
N ARG A 328 11.12 -2.36 -12.19
CA ARG A 328 11.89 -3.04 -13.23
CA ARG A 328 11.88 -3.05 -13.21
C ARG A 328 13.39 -2.87 -13.00
N LEU A 329 13.82 -1.63 -12.71
CA LEU A 329 15.23 -1.39 -12.44
C LEU A 329 15.72 -2.17 -11.23
N LEU A 330 14.86 -2.40 -10.25
CA LEU A 330 15.25 -3.14 -9.05
C LEU A 330 14.98 -4.63 -9.15
N HIS A 331 14.35 -5.10 -10.23
CA HIS A 331 13.95 -6.51 -10.35
C HIS A 331 12.99 -6.92 -9.23
N ARG A 332 12.04 -6.04 -8.90
CA ARG A 332 11.04 -6.33 -7.89
C ARG A 332 9.73 -6.75 -8.56
N TYR A 333 9.03 -7.69 -7.91
CA TYR A 333 7.76 -8.15 -8.43
C TYR A 333 6.69 -7.07 -8.28
N CYS A 334 5.80 -6.99 -9.27
CA CYS A 334 4.62 -6.13 -9.20
C CYS A 334 3.48 -6.86 -8.52
N VAL A 335 2.56 -6.07 -7.96
CA VAL A 335 1.30 -6.64 -7.46
C VAL A 335 0.31 -6.81 -8.60
N PHE A 336 0.29 -5.86 -9.54
CA PHE A 336 -0.57 -5.92 -10.70
C PHE A 336 0.15 -5.25 -11.86
N SER A 337 -0.38 -5.46 -13.06
CA SER A 337 0.13 -4.78 -14.25
C SER A 337 -0.55 -3.42 -14.37
N HIS A 338 0.27 -2.36 -14.35
CA HIS A 338 -0.25 -1.02 -14.53
C HIS A 338 -0.88 -0.85 -15.91
N ASP A 339 -0.23 -1.36 -16.96
CA ASP A 339 -0.77 -1.22 -18.32
C ASP A 339 -2.08 -1.97 -18.49
N GLU A 340 -2.22 -3.12 -17.83
CA GLU A 340 -3.49 -3.83 -17.89
C GLU A 340 -4.61 -3.01 -17.27
N MET A 341 -4.33 -2.36 -16.15
CA MET A 341 -5.34 -1.51 -15.51
C MET A 341 -5.75 -0.36 -16.42
N ILE A 342 -4.77 0.29 -17.06
CA ILE A 342 -5.06 1.39 -17.97
C ILE A 342 -5.94 0.93 -19.12
N CYS A 343 -5.58 -0.19 -19.76
CA CYS A 343 -6.35 -0.68 -20.88
C CYS A 343 -7.74 -1.14 -20.44
N LYS A 344 -7.87 -1.70 -19.24
CA LYS A 344 -9.17 -2.07 -18.74
C LYS A 344 -10.08 -0.84 -18.59
N MET A 345 -9.54 0.26 -18.07
CA MET A 345 -10.34 1.48 -17.98
C MET A 345 -10.68 2.01 -19.36
N ALA A 346 -9.72 2.00 -20.28
CA ALA A 346 -9.98 2.45 -21.65
C ALA A 346 -11.13 1.67 -22.27
N SER A 347 -11.17 0.36 -22.04
CA SER A 347 -12.24 -0.46 -22.58
C SER A 347 -13.58 -0.19 -21.90
N LYS A 348 -13.59 0.61 -20.84
CA LYS A 348 -14.82 1.01 -20.16
C LYS A 348 -14.99 2.53 -20.22
N ALA A 349 -14.47 3.15 -21.27
CA ALA A 349 -14.43 4.61 -21.34
C ALA A 349 -15.82 5.22 -21.26
N ASP A 350 -16.84 4.55 -21.79
CA ASP A 350 -18.18 5.13 -21.84
C ASP A 350 -18.81 5.28 -20.45
N VAL A 351 -18.38 4.49 -19.46
CA VAL A 351 -18.96 4.58 -18.12
C VAL A 351 -17.98 5.18 -17.12
N LEU A 352 -16.85 5.70 -17.59
CA LEU A 352 -15.86 6.28 -16.68
C LEU A 352 -16.25 7.70 -16.29
N ASP A 353 -15.83 8.09 -15.09
CA ASP A 353 -15.90 9.49 -14.72
C ASP A 353 -15.11 10.33 -15.72
N VAL A 354 -15.61 11.54 -15.98
CA VAL A 354 -15.05 12.38 -17.04
C VAL A 354 -13.62 12.81 -16.69
N VAL A 355 -13.38 13.19 -15.43
CA VAL A 355 -12.05 13.59 -15.02
C VAL A 355 -11.10 12.39 -15.01
N VAL A 356 -11.62 11.23 -14.63
CA VAL A 356 -10.82 10.00 -14.71
C VAL A 356 -10.41 9.73 -16.15
N ALA A 357 -11.37 9.81 -17.09
CA ALA A 357 -11.08 9.53 -18.48
C ALA A 357 -9.98 10.43 -19.01
N SER A 358 -10.00 11.71 -18.62
CA SER A 358 -8.97 12.65 -19.08
C SER A 358 -7.59 12.25 -18.59
N THR A 359 -7.48 11.85 -17.33
CA THR A 359 -6.19 11.47 -16.77
C THR A 359 -5.71 10.14 -17.32
N VAL A 360 -6.62 9.17 -17.46
CA VAL A 360 -6.25 7.89 -18.05
C VAL A 360 -5.75 8.09 -19.49
N GLN A 361 -6.38 9.01 -20.22
CA GLN A 361 -5.99 9.24 -21.61
C GLN A 361 -4.54 9.71 -21.70
N LYS A 362 -4.13 10.60 -20.80
CA LYS A 362 -2.76 11.11 -20.82
C LYS A 362 -1.75 10.01 -20.50
N ASP A 363 -2.06 9.15 -19.53
CA ASP A 363 -1.16 8.04 -19.22
C ASP A 363 -1.12 7.05 -20.37
N MET A 364 -2.27 6.79 -21.00
CA MET A 364 -2.29 5.87 -22.13
C MET A 364 -1.48 6.40 -23.31
N ALA A 365 -1.49 7.72 -23.54
CA ALA A 365 -0.67 8.28 -24.61
C ALA A 365 0.81 8.03 -24.38
N ILE A 366 1.25 8.13 -23.12
CA ILE A 366 2.64 7.82 -22.79
C ILE A 366 2.91 6.34 -23.02
N MET A 367 2.02 5.48 -22.50
CA MET A 367 2.14 4.04 -22.72
C MET A 367 2.30 3.71 -24.20
N ILE A 368 1.47 4.33 -25.05
CA ILE A 368 1.51 3.98 -26.47
C ILE A 368 2.81 4.45 -27.11
N GLU A 369 3.25 5.66 -26.79
CA GLU A 369 4.52 6.15 -27.33
C GLU A 369 5.67 5.25 -26.90
N ASP A 370 5.73 4.87 -25.63
CA ASP A 370 6.79 3.97 -25.18
C ASP A 370 6.68 2.61 -25.86
N GLU A 371 5.47 2.07 -25.97
CA GLU A 371 5.31 0.75 -26.57
C GLU A 371 5.73 0.77 -28.03
N LYS A 372 5.41 1.85 -28.74
CA LYS A 372 5.80 1.96 -30.15
C LYS A 372 7.33 1.94 -30.30
N ALA A 373 8.04 2.68 -29.44
CA ALA A 373 9.50 2.71 -29.52
C ALA A 373 10.10 1.35 -29.19
N LEU A 374 9.55 0.66 -28.17
CA LEU A 374 10.09 -0.64 -27.79
C LEU A 374 9.92 -1.67 -28.89
N ARG A 375 8.77 -1.66 -29.56
CA ARG A 375 8.56 -2.61 -30.65
C ARG A 375 9.45 -2.31 -31.84
N GLU A 376 9.74 -1.02 -32.10
CA GLU A 376 10.69 -0.70 -33.15
C GLU A 376 12.08 -1.22 -32.81
N THR A 377 12.50 -1.04 -31.55
CA THR A 377 13.80 -1.55 -31.11
C THR A 377 13.88 -3.08 -31.23
N VAL A 378 12.80 -3.77 -30.83
CA VAL A 378 12.78 -5.22 -30.89
C VAL A 378 12.82 -5.71 -32.33
N ARG A 379 12.10 -5.02 -33.23
CA ARG A 379 12.14 -5.41 -34.65
C ARG A 379 13.53 -5.22 -35.23
N LYS A 380 14.26 -4.19 -34.76
CA LYS A 380 15.61 -3.98 -35.27
C LYS A 380 16.60 -5.00 -34.73
N LEU A 381 16.25 -5.69 -33.65
CA LEU A 381 17.09 -6.78 -33.14
C LEU A 381 16.89 -8.08 -33.91
N GLY A 382 15.94 -8.13 -34.85
CA GLY A 382 15.72 -9.30 -35.66
C GLY A 382 14.49 -10.11 -35.30
N VAL A 383 13.71 -9.70 -34.30
CA VAL A 383 12.45 -10.39 -33.99
C VAL A 383 11.42 -9.98 -35.04
N ILE A 384 10.98 -10.95 -35.83
CA ILE A 384 10.08 -10.70 -36.95
C ILE A 384 8.70 -11.29 -36.71
N ASP A 385 8.65 -12.55 -36.27
CA ASP A 385 7.38 -13.23 -36.07
C ASP A 385 6.65 -12.69 -34.85
N SER A 386 5.32 -12.70 -34.90
CA SER A 386 4.53 -12.15 -33.82
C SER A 386 3.19 -12.87 -33.77
N GLU A 387 2.55 -12.83 -32.59
CA GLU A 387 1.20 -13.38 -32.45
C GLU A 387 0.52 -12.69 -31.28
N ARG A 388 -0.78 -12.42 -31.43
CA ARG A 388 -1.54 -11.83 -30.35
C ARG A 388 -1.61 -12.79 -29.18
N MET A 389 -1.54 -12.25 -27.96
CA MET A 389 -1.59 -13.07 -26.76
C MET A 389 -2.39 -12.34 -25.69
N ASP A 390 -3.38 -13.04 -25.12
CA ASP A 390 -4.22 -12.49 -24.04
C ASP A 390 -3.52 -12.69 -22.70
N PHE A 391 -2.58 -11.79 -22.40
CA PHE A 391 -1.79 -11.91 -21.18
C PHE A 391 -2.67 -11.96 -19.93
N GLU A 392 -3.83 -11.30 -19.95
CA GLU A 392 -4.61 -11.23 -18.72
C GLU A 392 -5.15 -12.58 -18.30
N LEU A 393 -5.14 -13.57 -19.19
CA LEU A 393 -5.59 -14.91 -18.84
C LEU A 393 -4.52 -15.72 -18.11
N LEU A 394 -3.28 -15.30 -18.16
CA LEU A 394 -2.24 -16.03 -17.43
C LEU A 394 -2.24 -15.63 -15.97
N PRO A 395 -2.08 -16.60 -15.06
CA PRO A 395 -1.77 -16.24 -13.66
C PRO A 395 -0.50 -15.39 -13.62
N ASP A 396 -0.42 -14.54 -12.60
CA ASP A 396 0.62 -13.52 -12.55
C ASP A 396 2.02 -14.14 -12.56
N ASP A 397 2.20 -15.23 -11.82
CA ASP A 397 3.50 -15.89 -11.78
C ASP A 397 3.86 -16.60 -13.08
N GLU A 398 3.00 -16.56 -14.11
CA GLU A 398 3.35 -17.15 -15.39
C GLU A 398 3.57 -16.09 -16.46
N ARG A 399 3.64 -14.81 -16.10
CA ARG A 399 3.92 -13.81 -17.10
C ARG A 399 4.88 -12.73 -16.58
N GLN A 400 5.81 -13.12 -15.72
CA GLN A 400 6.85 -12.24 -15.25
C GLN A 400 8.09 -12.35 -16.13
N CYS A 401 8.67 -11.20 -16.46
CA CYS A 401 9.94 -11.18 -17.18
C CYS A 401 10.99 -12.00 -16.42
N VAL A 402 11.63 -12.95 -17.12
CA VAL A 402 12.68 -13.76 -16.52
C VAL A 402 13.74 -12.88 -15.86
N LYS A 403 14.05 -11.74 -16.48
CA LYS A 403 15.16 -10.93 -15.98
C LYS A 403 14.72 -9.99 -14.86
N CYS A 404 13.75 -9.12 -15.14
CA CYS A 404 13.42 -8.04 -14.22
C CYS A 404 12.16 -8.30 -13.41
N LYS A 405 11.46 -9.42 -13.65
CA LYS A 405 10.29 -9.85 -12.91
C LYS A 405 9.06 -8.97 -13.13
N THR A 406 9.08 -8.05 -14.09
CA THR A 406 7.91 -7.23 -14.34
C THR A 406 6.77 -8.10 -14.87
N THR A 407 5.53 -7.71 -14.52
CA THR A 407 4.34 -8.41 -15.01
C THR A 407 4.03 -7.93 -16.41
N CYS A 408 4.13 -8.83 -17.39
CA CYS A 408 3.93 -8.45 -18.79
C CYS A 408 2.44 -8.30 -19.10
N PHE A 409 2.13 -7.38 -20.00
CA PHE A 409 0.77 -7.28 -20.52
C PHE A 409 0.74 -6.73 -21.95
N MET A 410 1.37 -5.58 -22.19
CA MET A 410 1.39 -5.03 -23.53
C MET A 410 2.11 -5.96 -24.50
N SER A 411 3.26 -6.50 -24.09
CA SER A 411 4.06 -7.31 -25.00
C SER A 411 5.13 -8.09 -24.24
N ALA A 412 5.63 -9.14 -24.91
CA ALA A 412 6.72 -9.94 -24.38
C ALA A 412 7.35 -10.71 -25.55
N ILE A 413 8.51 -11.28 -25.29
CA ILE A 413 9.21 -12.14 -26.24
C ILE A 413 9.22 -13.56 -25.70
N SER A 414 8.97 -14.53 -26.58
CA SER A 414 9.03 -15.93 -26.22
C SER A 414 9.88 -16.67 -27.24
N CYS A 415 10.37 -17.84 -26.84
CA CYS A 415 11.09 -18.76 -27.72
C CYS A 415 10.59 -20.16 -27.45
N SER A 416 10.32 -20.91 -28.52
CA SER A 416 9.83 -22.27 -28.35
C SER A 416 10.85 -23.17 -27.67
N CYS A 417 12.12 -22.74 -27.56
CA CYS A 417 13.10 -23.56 -26.86
C CYS A 417 12.95 -23.49 -25.34
N LYS A 418 12.21 -22.50 -24.82
CA LYS A 418 11.95 -22.37 -23.39
C LYS A 418 10.45 -22.16 -23.17
N PRO A 419 9.66 -23.22 -23.25
CA PRO A 419 8.20 -23.08 -23.19
C PRO A 419 7.77 -22.42 -21.89
N GLY A 420 6.88 -21.45 -22.01
CA GLY A 420 6.33 -20.76 -20.87
C GLY A 420 7.13 -19.56 -20.38
N LEU A 421 8.41 -19.45 -20.73
CA LEU A 421 9.21 -18.33 -20.26
C LEU A 421 8.97 -17.09 -21.12
N LEU A 422 9.08 -15.93 -20.50
CA LEU A 422 8.84 -14.65 -21.15
C LEU A 422 9.90 -13.67 -20.70
N VAL A 423 10.28 -12.77 -21.61
CA VAL A 423 10.99 -11.56 -21.22
C VAL A 423 10.18 -10.37 -21.73
N CYS A 424 10.24 -9.27 -20.99
CA CYS A 424 9.69 -8.03 -21.50
C CYS A 424 10.61 -7.47 -22.58
N LEU A 425 10.16 -6.41 -23.25
CA LEU A 425 10.89 -5.90 -24.41
C LEU A 425 12.18 -5.18 -24.04
N HIS A 426 12.40 -4.87 -22.77
CA HIS A 426 13.70 -4.34 -22.35
C HIS A 426 14.77 -5.41 -22.22
N HIS A 427 14.39 -6.68 -22.23
CA HIS A 427 15.32 -7.76 -21.90
C HIS A 427 15.26 -8.89 -22.93
N VAL A 428 15.04 -8.51 -24.19
CA VAL A 428 15.03 -9.46 -25.30
C VAL A 428 16.29 -10.33 -25.30
N LYS A 429 17.43 -9.77 -24.90
CA LYS A 429 18.68 -10.51 -24.94
C LYS A 429 18.88 -11.44 -23.76
N GLU A 430 17.90 -11.55 -22.86
CA GLU A 430 18.05 -12.30 -21.61
C GLU A 430 17.28 -13.61 -21.61
N LEU A 431 16.75 -14.05 -22.75
CA LEU A 431 15.86 -15.20 -22.75
C LEU A 431 16.61 -16.51 -23.01
N CYS A 432 17.37 -16.57 -24.09
CA CYS A 432 18.10 -17.77 -24.46
C CYS A 432 19.16 -17.36 -25.47
N SER A 433 19.96 -18.33 -25.90
CA SER A 433 21.03 -18.08 -26.85
C SER A 433 20.60 -18.29 -28.30
N CYS A 434 19.30 -18.49 -28.55
CA CYS A 434 18.84 -18.61 -29.92
C CYS A 434 18.93 -17.26 -30.64
N PRO A 435 19.12 -17.27 -31.95
CA PRO A 435 19.08 -16.02 -32.71
C PRO A 435 17.69 -15.42 -32.69
N PRO A 436 17.59 -14.09 -32.65
CA PRO A 436 16.27 -13.44 -32.49
C PRO A 436 15.21 -13.83 -33.52
N TYR A 437 15.58 -14.31 -34.70
CA TYR A 437 14.55 -14.69 -35.65
C TYR A 437 13.76 -15.92 -35.20
N LYS A 438 14.25 -16.67 -34.22
CA LYS A 438 13.47 -17.75 -33.65
C LYS A 438 12.42 -17.26 -32.67
N TYR A 439 12.46 -15.98 -32.30
CA TYR A 439 11.61 -15.46 -31.25
C TYR A 439 10.25 -15.06 -31.82
N LYS A 440 9.28 -14.92 -30.92
CA LYS A 440 7.98 -14.38 -31.27
C LYS A 440 7.69 -13.19 -30.37
N LEU A 441 7.26 -12.09 -30.97
CA LEU A 441 6.70 -10.99 -30.20
C LEU A 441 5.26 -11.35 -29.84
N ARG A 442 4.98 -11.49 -28.56
CA ARG A 442 3.61 -11.68 -28.09
C ARG A 442 3.06 -10.32 -27.70
N TYR A 443 1.93 -9.93 -28.28
CA TYR A 443 1.39 -8.60 -28.03
C TYR A 443 -0.08 -8.68 -27.67
N ARG A 444 -0.52 -7.82 -26.74
CA ARG A 444 -1.93 -7.78 -26.42
C ARG A 444 -2.73 -7.07 -27.50
N TYR A 445 -2.26 -5.89 -27.91
CA TYR A 445 -2.94 -5.05 -28.88
C TYR A 445 -1.97 -4.59 -29.94
N THR A 446 -2.46 -4.46 -31.18
CA THR A 446 -1.70 -3.70 -32.17
C THR A 446 -1.87 -2.21 -31.89
N LEU A 447 -0.97 -1.42 -32.48
CA LEU A 447 -1.11 0.03 -32.42
C LEU A 447 -2.46 0.48 -32.98
N ASP A 448 -2.93 -0.19 -34.04
CA ASP A 448 -4.25 0.11 -34.60
C ASP A 448 -5.39 -0.19 -33.65
N ASP A 449 -5.22 -1.10 -32.69
CA ASP A 449 -6.24 -1.29 -31.67
C ASP A 449 -6.17 -0.20 -30.60
N LEU A 450 -4.96 0.29 -30.31
CA LEU A 450 -4.75 1.14 -29.15
C LEU A 450 -5.26 2.56 -29.38
N TYR A 451 -5.05 3.10 -30.58
CA TYR A 451 -5.47 4.49 -30.83
C TYR A 451 -6.98 4.68 -30.71
N PRO A 452 -7.84 3.81 -31.26
CA PRO A 452 -9.28 3.98 -31.00
C PRO A 452 -9.64 3.88 -29.53
N MET A 453 -8.92 3.05 -28.76
CA MET A 453 -9.17 3.00 -27.32
C MET A 453 -8.87 4.35 -26.68
N MET A 454 -7.76 4.97 -27.06
CA MET A 454 -7.44 6.28 -26.51
C MET A 454 -8.44 7.33 -26.97
N ASN A 455 -8.90 7.24 -28.22
CA ASN A 455 -9.89 8.20 -28.72
C ASN A 455 -11.21 8.09 -27.97
N ALA A 456 -11.60 6.88 -27.57
CA ALA A 456 -12.79 6.72 -26.73
C ALA A 456 -12.66 7.53 -25.45
N LEU A 457 -11.48 7.49 -24.82
CA LEU A 457 -11.25 8.28 -23.61
C LEU A 457 -11.30 9.77 -23.92
N LYS A 458 -10.74 10.18 -25.05
CA LYS A 458 -10.77 11.58 -25.44
C LYS A 458 -12.21 12.06 -25.60
N LEU A 459 -13.00 11.34 -26.38
CA LEU A 459 -14.41 11.69 -26.56
C LEU A 459 -15.13 11.74 -25.22
N ARG A 460 -14.88 10.76 -24.34
CA ARG A 460 -15.52 10.76 -23.03
C ARG A 460 -15.11 11.97 -22.20
N ALA A 461 -13.83 12.35 -22.28
CA ALA A 461 -13.33 13.49 -21.53
C ALA A 461 -13.97 14.81 -21.97
N GLU A 462 -14.49 14.89 -23.20
CA GLU A 462 -15.21 16.07 -23.66
C GLU A 462 -16.70 16.01 -23.35
N SER A 463 -17.07 15.59 -22.14
CA SER A 463 -18.47 15.40 -21.72
C SER A 463 -19.19 14.40 -22.63
#